data_1SNF
#
_entry.id   1SNF
#
_cell.length_a   58.228
_cell.length_b   77.496
_cell.length_c   93.949
_cell.angle_alpha   90.00
_cell.angle_beta   90.00
_cell.angle_gamma   90.00
#
_symmetry.space_group_name_H-M   'P 21 21 21'
#
loop_
_entity.id
_entity.type
_entity.pdbx_description
1 polymer "Deoxyuridine 5'-triphosphate nucleotidohydrolase"
2 non-polymer 'MAGNESIUM ION'
3 non-polymer 'NITRATE ION'
4 non-polymer "2'-DEOXYURIDINE 5'-MONOPHOSPHATE"
5 non-polymer 2-AMINO-2-HYDROXYMETHYL-PROPANE-1,3-DIOL
6 water water
#
_entity_poly.entity_id   1
_entity_poly.type   'polypeptide(L)'
_entity_poly.pdbx_seq_one_letter_code
;MGSSHHHHHHSSGLVPRGSHMSTTLAIVRLDPGLPLPSRAHDGDAGVDLYSAEDVELAPGRRALVRTGVAVAVPFGMVGL
VHPRSGLATRVGLSIVNSPGTIDAGYRGEIKVALINLDPAAPIVVHRGDRIAQLLVQRVELVELVEVSSFDEAGLASTSR
GDGGHGSSGGHASL
;
_entity_poly.pdbx_strand_id   A,B,C
#
loop_
_chem_comp.id
_chem_comp.type
_chem_comp.name
_chem_comp.formula
MG non-polymer 'MAGNESIUM ION' 'Mg 2'
NO3 non-polymer 'NITRATE ION' 'N O3 -1'
TRS non-polymer 2-AMINO-2-HYDROXYMETHYL-PROPANE-1,3-DIOL 'C4 H12 N O3 1'
UMP non-polymer '2'-DEOXYURIDINE 5'-MONOPHOSPHATE' 'C9 H13 N2 O8 P'
#
# COMPACT_ATOMS: atom_id res chain seq x y z
N SER A 22 16.12 13.12 8.44
CA SER A 22 17.29 13.47 9.32
C SER A 22 17.13 12.47 10.47
N THR A 23 16.14 11.61 10.30
CA THR A 23 15.89 10.59 11.28
C THR A 23 16.95 9.54 11.08
N THR A 24 17.19 8.75 12.10
CA THR A 24 18.00 7.56 11.93
C THR A 24 17.08 6.38 12.17
N LEU A 25 17.56 5.26 11.65
CA LEU A 25 16.90 3.98 11.76
C LEU A 25 17.94 2.92 12.19
N ALA A 26 17.83 2.45 13.43
CA ALA A 26 18.65 1.31 13.91
C ALA A 26 18.23 0.07 13.15
N ILE A 27 19.21 -0.63 12.62
CA ILE A 27 19.01 -1.88 11.91
C ILE A 27 19.99 -2.95 12.37
N VAL A 28 19.50 -4.17 12.56
CA VAL A 28 20.35 -5.32 12.82
C VAL A 28 20.42 -6.26 11.61
N ARG A 29 21.64 -6.69 11.26
CA ARG A 29 21.82 -7.73 10.26
C ARG A 29 21.79 -9.11 10.90
N LEU A 30 20.61 -9.69 10.94
CA LEU A 30 20.42 -11.05 11.42
C LEU A 30 21.19 -12.03 10.56
N ASP A 31 21.20 -11.80 9.26
CA ASP A 31 22.03 -12.54 8.31
C ASP A 31 23.23 -11.65 7.95
N PRO A 32 24.43 -11.97 8.47
CA PRO A 32 25.63 -11.12 8.22
C PRO A 32 26.22 -11.21 6.78
N GLY A 33 25.82 -12.23 6.02
CA GLY A 33 26.27 -12.40 4.64
C GLY A 33 25.47 -11.66 3.56
N LEU A 34 24.59 -10.75 3.94
CA LEU A 34 23.81 -9.92 3.00
C LEU A 34 24.31 -8.51 3.17
N PRO A 35 24.30 -7.70 2.13
CA PRO A 35 24.61 -6.27 2.21
C PRO A 35 23.62 -5.53 3.12
N LEU A 36 24.09 -4.49 3.80
CA LEU A 36 23.15 -3.67 4.55
C LEU A 36 22.30 -2.97 3.52
N PRO A 37 20.99 -2.93 3.69
CA PRO A 37 20.17 -2.06 2.83
C PRO A 37 20.74 -0.66 2.81
N SER A 38 20.60 -0.07 1.63
CA SER A 38 21.10 1.27 1.38
C SER A 38 20.17 2.01 0.41
N ARG A 39 20.32 3.33 0.51
CA ARG A 39 19.46 4.21 -0.26
C ARG A 39 20.23 4.53 -1.55
N ALA A 40 19.68 4.14 -2.70
CA ALA A 40 20.45 4.20 -3.93
C ALA A 40 20.81 5.64 -4.36
N HIS A 41 19.84 6.56 -4.22
CA HIS A 41 19.98 7.98 -4.57
C HIS A 41 19.35 8.79 -3.44
N ASP A 42 19.92 9.95 -3.15
CA ASP A 42 19.62 10.76 -1.95
C ASP A 42 18.19 11.03 -1.46
N GLY A 43 17.30 11.29 -2.43
CA GLY A 43 15.90 11.47 -2.15
C GLY A 43 15.00 10.27 -2.41
N ASP A 44 15.52 9.10 -2.79
CA ASP A 44 14.72 7.90 -2.99
C ASP A 44 13.93 7.57 -1.72
N ALA A 45 12.67 7.24 -1.87
CA ALA A 45 11.79 6.93 -0.75
C ALA A 45 12.17 5.67 0.06
N GLY A 46 12.63 4.60 -0.57
CA GLY A 46 12.96 3.42 0.20
C GLY A 46 14.40 2.99 0.10
N VAL A 47 14.74 2.03 0.93
CA VAL A 47 15.99 1.26 0.88
C VAL A 47 15.54 -0.13 0.44
N ASP A 48 16.29 -0.81 -0.43
CA ASP A 48 15.88 -2.13 -0.92
C ASP A 48 16.21 -3.20 0.12
N LEU A 49 15.37 -4.20 0.30
CA LEU A 49 15.60 -5.30 1.24
C LEU A 49 15.95 -6.51 0.36
N TYR A 50 16.75 -7.41 0.91
CA TYR A 50 17.32 -8.50 0.15
C TYR A 50 16.62 -9.77 0.59
N SER A 51 16.59 -10.81 -0.26
CA SER A 51 16.12 -12.11 0.17
C SER A 51 17.30 -12.76 0.91
N ALA A 52 17.07 -13.32 2.09
CA ALA A 52 18.00 -14.30 2.65
C ALA A 52 17.88 -15.71 2.06
N GLU A 53 16.93 -15.97 1.18
CA GLU A 53 16.67 -17.32 0.73
C GLU A 53 16.50 -17.49 -0.77
N ASP A 54 16.81 -18.72 -1.20
CA ASP A 54 16.46 -19.21 -2.53
C ASP A 54 15.08 -19.90 -2.46
N VAL A 55 14.11 -19.36 -3.22
CA VAL A 55 12.76 -19.90 -3.42
C VAL A 55 12.32 -19.79 -4.88
N GLU A 56 11.59 -20.82 -5.30
CA GLU A 56 10.93 -20.85 -6.61
C GLU A 56 9.44 -20.75 -6.25
N LEU A 57 8.71 -19.77 -6.79
CA LEU A 57 7.28 -19.64 -6.59
C LEU A 57 6.55 -20.03 -7.84
N ALA A 58 5.77 -21.11 -7.72
CA ALA A 58 5.03 -21.66 -8.84
C ALA A 58 3.92 -20.67 -9.02
N PRO A 59 3.34 -20.60 -10.22
CA PRO A 59 2.30 -19.61 -10.53
C PRO A 59 1.09 -19.60 -9.54
N GLY A 60 0.77 -18.44 -8.97
CA GLY A 60 -0.31 -18.28 -8.02
C GLY A 60 0.04 -18.56 -6.57
N ARG A 61 1.27 -19.04 -6.36
CA ARG A 61 1.74 -19.49 -5.05
C ARG A 61 2.43 -18.36 -4.32
N ARG A 62 2.43 -18.45 -3.00
CA ARG A 62 3.09 -17.47 -2.15
C ARG A 62 4.15 -18.08 -1.25
N ALA A 63 4.90 -17.21 -0.58
CA ALA A 63 5.92 -17.65 0.40
C ALA A 63 6.25 -16.49 1.33
N LEU A 64 6.60 -16.79 2.57
CA LEU A 64 7.06 -15.83 3.56
C LEU A 64 8.57 -15.92 3.51
N VAL A 65 9.20 -14.88 2.98
CA VAL A 65 10.63 -14.79 2.76
C VAL A 65 11.40 -13.91 3.74
N ARG A 66 12.38 -14.53 4.43
CA ARG A 66 13.22 -13.79 5.36
C ARG A 66 14.07 -12.76 4.64
N THR A 67 14.21 -11.56 5.22
CA THR A 67 15.14 -10.57 4.65
C THR A 67 16.48 -10.43 5.33
N GLY A 68 16.64 -11.08 6.46
CA GLY A 68 17.90 -11.04 7.16
C GLY A 68 18.13 -9.80 8.01
N VAL A 69 17.11 -8.96 8.16
CA VAL A 69 17.23 -7.74 8.97
C VAL A 69 16.07 -7.53 9.90
N ALA A 70 16.34 -6.77 10.97
CA ALA A 70 15.34 -6.29 11.93
C ALA A 70 15.59 -4.81 12.10
N VAL A 71 14.58 -4.02 12.37
CA VAL A 71 14.76 -2.58 12.56
C VAL A 71 13.97 -2.11 13.76
N ALA A 72 14.33 -0.92 14.24
CA ALA A 72 13.57 -0.23 15.29
C ALA A 72 12.94 1.04 14.70
N VAL A 73 11.76 0.94 14.17
CA VAL A 73 11.02 2.07 13.62
C VAL A 73 10.75 3.06 14.77
N PRO A 74 11.15 4.33 14.66
CA PRO A 74 10.91 5.22 15.80
C PRO A 74 9.44 5.40 16.19
N PHE A 75 9.20 5.68 17.47
CA PHE A 75 7.88 6.03 17.94
C PHE A 75 7.32 7.23 17.18
N GLY A 76 6.08 7.16 16.75
CA GLY A 76 5.54 8.26 15.92
C GLY A 76 5.69 7.98 14.44
N MET A 77 6.37 6.88 14.08
CA MET A 77 6.60 6.49 12.69
C MET A 77 6.14 5.09 12.44
N VAL A 78 6.17 4.72 11.17
CA VAL A 78 5.78 3.41 10.70
C VAL A 78 6.74 3.02 9.60
N GLY A 79 7.16 1.77 9.54
CA GLY A 79 7.85 1.23 8.40
C GLY A 79 6.90 0.55 7.43
N LEU A 80 7.18 0.69 6.14
CA LEU A 80 6.23 0.27 5.13
C LEU A 80 7.05 -0.52 4.10
N VAL A 81 6.56 -1.71 3.75
CA VAL A 81 7.25 -2.62 2.86
C VAL A 81 6.48 -2.59 1.56
N HIS A 82 7.12 -2.13 0.50
CA HIS A 82 6.50 -1.99 -0.81
C HIS A 82 7.12 -2.92 -1.82
N PRO A 83 6.33 -3.28 -2.83
CA PRO A 83 6.95 -4.06 -3.88
C PRO A 83 7.82 -3.21 -4.78
N ARG A 84 8.68 -3.93 -5.50
CA ARG A 84 9.55 -3.32 -6.49
C ARG A 84 8.77 -3.33 -7.79
N SER A 85 8.90 -2.25 -8.54
CA SER A 85 8.07 -2.02 -9.72
C SER A 85 8.49 -2.79 -10.98
N GLY A 86 9.80 -2.89 -11.21
CA GLY A 86 10.41 -3.65 -12.30
C GLY A 86 10.00 -5.11 -12.22
N LEU A 87 10.22 -5.77 -11.08
CA LEU A 87 9.81 -7.17 -10.91
C LEU A 87 8.31 -7.40 -10.98
N ALA A 88 7.56 -6.41 -10.54
CA ALA A 88 6.10 -6.45 -10.57
C ALA A 88 5.61 -6.67 -12.02
N THR A 89 6.06 -5.82 -12.93
CA THR A 89 5.74 -6.00 -14.35
C THR A 89 6.39 -7.15 -15.09
N ARG A 90 7.69 -7.32 -14.92
CA ARG A 90 8.43 -8.21 -15.78
C ARG A 90 7.90 -9.61 -15.45
N VAL A 91 7.57 -9.91 -14.19
CA VAL A 91 7.25 -11.33 -13.85
C VAL A 91 5.95 -11.59 -13.03
N GLY A 92 5.28 -10.52 -12.65
CA GLY A 92 4.15 -10.61 -11.75
C GLY A 92 4.42 -10.85 -10.30
N LEU A 93 5.60 -10.44 -9.80
CA LEU A 93 5.92 -10.68 -8.39
C LEU A 93 5.21 -9.57 -7.60
N SER A 94 4.49 -9.96 -6.55
CA SER A 94 3.78 -9.01 -5.71
C SER A 94 3.98 -9.36 -4.23
N ILE A 95 3.30 -8.61 -3.38
CA ILE A 95 3.30 -8.82 -1.92
C ILE A 95 1.84 -8.83 -1.43
N VAL A 96 1.45 -9.90 -0.75
CA VAL A 96 0.07 -10.17 -0.46
C VAL A 96 -0.48 -9.13 0.50
N ASN A 97 0.31 -8.70 1.49
CA ASN A 97 -0.12 -7.72 2.47
C ASN A 97 0.38 -6.34 2.13
N SER A 98 0.78 -6.16 0.88
CA SER A 98 1.26 -4.83 0.46
C SER A 98 0.24 -3.75 0.83
N PRO A 99 0.62 -2.62 1.45
CA PRO A 99 1.99 -2.33 1.90
C PRO A 99 2.21 -3.00 3.23
N GLY A 100 3.28 -3.78 3.46
CA GLY A 100 3.54 -4.40 4.74
C GLY A 100 3.75 -3.37 5.85
N THR A 101 3.13 -3.52 7.01
CA THR A 101 3.09 -2.51 8.08
C THR A 101 4.04 -2.98 9.16
N ILE A 102 5.08 -2.21 9.45
CA ILE A 102 6.09 -2.46 10.46
C ILE A 102 5.94 -1.46 11.60
N ASP A 103 5.41 -1.96 12.69
CA ASP A 103 5.08 -1.11 13.82
C ASP A 103 6.29 -0.71 14.58
N ALA A 104 6.19 0.46 15.23
CA ALA A 104 7.29 0.97 16.01
C ALA A 104 7.80 0.00 17.05
N GLY A 105 6.94 -0.84 17.62
CA GLY A 105 7.47 -1.68 18.69
C GLY A 105 7.99 -3.04 18.22
N TYR A 106 7.91 -3.32 16.93
CA TYR A 106 8.38 -4.58 16.36
C TYR A 106 9.90 -4.72 16.28
N ARG A 107 10.37 -5.83 16.84
CA ARG A 107 11.83 -6.11 16.92
C ARG A 107 12.19 -7.42 16.28
N GLY A 108 11.22 -8.06 15.63
CA GLY A 108 11.48 -9.27 14.89
C GLY A 108 12.08 -8.98 13.54
N GLU A 109 12.38 -10.07 12.87
CA GLU A 109 12.81 -10.10 11.49
C GLU A 109 11.71 -9.65 10.53
N ILE A 110 12.08 -8.77 9.61
CA ILE A 110 11.24 -8.36 8.51
C ILE A 110 11.19 -9.54 7.54
N LYS A 111 9.95 -9.99 7.32
CA LYS A 111 9.60 -11.08 6.36
C LYS A 111 8.65 -10.52 5.29
N VAL A 112 8.84 -10.91 4.03
CA VAL A 112 8.04 -10.42 2.94
C VAL A 112 7.20 -11.56 2.38
N ALA A 113 5.88 -11.31 2.28
CA ALA A 113 4.90 -12.31 1.83
C ALA A 113 4.79 -12.15 0.32
N LEU A 114 5.75 -12.76 -0.39
CA LEU A 114 5.75 -12.73 -1.85
C LEU A 114 4.72 -13.66 -2.46
N ILE A 115 4.21 -13.29 -3.63
CA ILE A 115 3.19 -14.03 -4.35
C ILE A 115 3.42 -13.81 -5.82
N ASN A 116 3.37 -14.92 -6.53
CA ASN A 116 3.56 -14.94 -7.96
C ASN A 116 2.17 -14.81 -8.54
N LEU A 117 1.85 -13.62 -9.02
CA LEU A 117 0.54 -13.37 -9.65
C LEU A 117 0.54 -13.69 -11.15
N ASP A 118 1.59 -14.26 -11.68
CA ASP A 118 1.54 -14.70 -13.07
C ASP A 118 0.67 -15.98 -13.19
N PRO A 119 -0.13 -16.12 -14.25
CA PRO A 119 -0.94 -17.34 -14.48
C PRO A 119 -0.21 -18.64 -14.79
N ALA A 120 0.98 -18.52 -15.39
CA ALA A 120 1.73 -19.64 -15.98
C ALA A 120 3.24 -19.80 -15.73
N ALA A 121 3.99 -18.73 -15.43
CA ALA A 121 5.43 -18.90 -15.34
C ALA A 121 5.85 -18.81 -13.87
N PRO A 122 6.67 -19.75 -13.43
CA PRO A 122 7.32 -19.60 -12.11
C PRO A 122 8.23 -18.38 -11.95
N ILE A 123 8.47 -17.95 -10.72
CA ILE A 123 9.43 -16.93 -10.40
C ILE A 123 10.52 -17.54 -9.51
N VAL A 124 11.76 -17.40 -9.95
CA VAL A 124 12.92 -17.81 -9.15
C VAL A 124 13.46 -16.61 -8.40
N VAL A 125 13.56 -16.69 -7.08
CA VAL A 125 14.10 -15.69 -6.19
C VAL A 125 15.41 -16.24 -5.64
N HIS A 126 16.48 -15.49 -5.84
CA HIS A 126 17.74 -15.81 -5.19
C HIS A 126 18.11 -15.00 -3.95
N ARG A 127 18.86 -15.65 -3.06
CA ARG A 127 19.47 -15.01 -1.91
C ARG A 127 20.34 -13.93 -2.50
N GLY A 128 20.14 -12.73 -1.99
CA GLY A 128 20.90 -11.61 -2.50
C GLY A 128 20.09 -10.76 -3.46
N ASP A 129 18.99 -11.26 -4.02
CA ASP A 129 18.15 -10.43 -4.87
C ASP A 129 17.48 -9.39 -3.97
N ARG A 130 17.16 -8.26 -4.60
CA ARG A 130 16.42 -7.19 -3.98
C ARG A 130 14.96 -7.55 -4.21
N ILE A 131 14.17 -7.65 -3.15
CA ILE A 131 12.83 -8.18 -3.24
C ILE A 131 11.72 -7.25 -2.81
N ALA A 132 12.04 -6.17 -2.11
CA ALA A 132 11.06 -5.18 -1.69
C ALA A 132 11.83 -3.90 -1.34
N GLN A 133 11.09 -2.87 -0.98
CA GLN A 133 11.71 -1.69 -0.40
C GLN A 133 11.02 -1.33 0.89
N LEU A 134 11.77 -0.68 1.76
CA LEU A 134 11.38 -0.22 3.06
C LEU A 134 11.43 1.30 3.10
N LEU A 135 10.29 1.90 3.32
CA LEU A 135 9.99 3.31 3.55
C LEU A 135 9.67 3.43 5.04
N VAL A 136 10.05 4.59 5.56
CA VAL A 136 9.67 5.05 6.86
C VAL A 136 8.95 6.39 6.73
N GLN A 137 7.76 6.47 7.31
CA GLN A 137 6.94 7.69 7.32
C GLN A 137 6.44 7.94 8.73
N ARG A 138 6.16 9.22 9.00
CA ARG A 138 5.35 9.54 10.16
C ARG A 138 3.94 8.93 10.03
N VAL A 139 3.35 8.62 11.19
CA VAL A 139 1.98 8.15 11.32
C VAL A 139 1.28 8.96 12.39
N GLU A 140 0.00 9.24 12.24
CA GLU A 140 -0.77 9.93 13.26
C GLU A 140 -1.34 8.89 14.15
N LEU A 141 -0.83 8.86 15.39
CA LEU A 141 -1.32 7.92 16.38
C LEU A 141 -2.60 8.49 16.99
N VAL A 142 -3.62 8.49 16.16
CA VAL A 142 -4.96 9.06 16.48
C VAL A 142 -5.65 8.38 17.66
N GLU A 143 -6.30 9.19 18.49
CA GLU A 143 -7.10 8.73 19.60
C GLU A 143 -8.49 8.60 19.00
N LEU A 144 -9.03 7.39 19.01
CA LEU A 144 -10.37 7.19 18.48
C LEU A 144 -11.36 7.66 19.52
N VAL A 145 -12.30 8.50 19.10
CA VAL A 145 -13.31 8.94 20.02
C VAL A 145 -14.67 8.69 19.40
N GLU A 146 -15.42 7.87 20.11
CA GLU A 146 -16.75 7.54 19.58
C GLU A 146 -17.75 8.68 19.63
N VAL A 147 -18.47 8.90 18.53
CA VAL A 147 -19.56 9.89 18.50
C VAL A 147 -20.85 9.25 18.05
N SER A 148 -21.98 9.87 18.34
CA SER A 148 -23.33 9.34 18.09
C SER A 148 -23.58 9.51 16.61
N SER A 149 -23.13 10.62 16.05
CA SER A 149 -23.27 10.95 14.63
C SER A 149 -22.27 12.03 14.20
N PHE A 150 -22.19 12.19 12.89
CA PHE A 150 -21.44 13.30 12.32
C PHE A 150 -22.31 14.53 12.11
N ASP A 151 -21.65 15.68 12.22
CA ASP A 151 -22.17 17.03 12.06
C ASP A 151 -22.44 17.18 10.56
N GLU A 152 -23.68 17.48 10.18
CA GLU A 152 -24.04 17.67 8.75
C GLU A 152 -24.05 19.12 8.20
N MET B 21 -1.26 23.79 4.24
CA MET B 21 -0.66 24.64 3.12
C MET B 21 0.50 23.86 2.51
N SER B 22 0.39 23.55 1.23
CA SER B 22 1.33 22.65 0.58
C SER B 22 2.15 23.40 -0.46
N THR B 23 2.80 22.65 -1.33
CA THR B 23 3.62 23.23 -2.38
C THR B 23 2.94 22.86 -3.68
N THR B 24 3.62 23.10 -4.78
CA THR B 24 3.08 22.65 -6.02
C THR B 24 3.76 21.37 -6.43
N LEU B 25 3.16 20.71 -7.40
CA LEU B 25 3.70 19.55 -8.05
C LEU B 25 3.74 19.91 -9.53
N ALA B 26 4.95 20.06 -10.07
CA ALA B 26 5.18 20.29 -11.50
C ALA B 26 4.80 19.02 -12.26
N ILE B 27 4.00 19.17 -13.30
CA ILE B 27 3.57 18.03 -14.08
C ILE B 27 3.67 18.34 -15.57
N VAL B 28 4.10 17.36 -16.37
CA VAL B 28 4.20 17.40 -17.81
C VAL B 28 3.16 16.46 -18.41
N ARG B 29 2.33 16.97 -19.33
CA ARG B 29 1.46 16.12 -20.13
C ARG B 29 2.26 15.66 -21.34
N LEU B 30 2.81 14.46 -21.23
CA LEU B 30 3.56 13.83 -22.31
C LEU B 30 2.58 13.53 -23.43
N ASP B 31 1.36 13.24 -23.03
CA ASP B 31 0.27 13.05 -23.96
C ASP B 31 -0.66 14.25 -23.79
N PRO B 32 -0.58 15.23 -24.68
CA PRO B 32 -1.44 16.42 -24.58
C PRO B 32 -2.92 16.14 -24.83
N GLY B 33 -3.29 14.97 -25.33
CA GLY B 33 -4.69 14.60 -25.54
C GLY B 33 -5.50 14.17 -24.34
N LEU B 34 -4.86 14.01 -23.19
CA LEU B 34 -5.55 13.53 -22.00
C LEU B 34 -5.80 14.75 -21.14
N PRO B 35 -6.82 14.71 -20.31
CA PRO B 35 -6.99 15.80 -19.35
C PRO B 35 -5.89 15.89 -18.27
N LEU B 36 -5.60 17.09 -17.77
CA LEU B 36 -4.67 17.22 -16.65
C LEU B 36 -5.29 16.55 -15.43
N PRO B 37 -4.55 15.70 -14.69
CA PRO B 37 -5.07 15.13 -13.44
C PRO B 37 -5.46 16.29 -12.53
N SER B 38 -6.52 16.09 -11.76
CA SER B 38 -7.00 17.11 -10.86
C SER B 38 -7.63 16.46 -9.62
N ARG B 39 -7.75 17.28 -8.56
CA ARG B 39 -8.20 16.82 -7.28
C ARG B 39 -9.72 17.07 -7.30
N ALA B 40 -10.51 16.01 -7.22
CA ALA B 40 -11.95 16.13 -7.46
C ALA B 40 -12.61 16.94 -6.33
N HIS B 41 -12.09 16.79 -5.10
CA HIS B 41 -12.61 17.55 -3.96
C HIS B 41 -11.48 18.11 -3.13
N ASP B 42 -11.67 19.20 -2.40
CA ASP B 42 -10.50 19.82 -1.77
C ASP B 42 -9.64 18.92 -0.85
N GLY B 43 -10.29 18.10 -0.07
CA GLY B 43 -9.49 17.25 0.82
C GLY B 43 -9.03 15.90 0.36
N ASP B 44 -9.34 15.59 -0.90
CA ASP B 44 -9.12 14.24 -1.41
C ASP B 44 -7.64 13.98 -1.46
N ALA B 45 -7.28 12.80 -0.99
CA ALA B 45 -5.88 12.52 -0.93
C ALA B 45 -5.11 12.47 -2.24
N GLY B 46 -5.78 12.00 -3.29
CA GLY B 46 -5.16 11.68 -4.55
C GLY B 46 -5.75 12.46 -5.71
N VAL B 47 -5.00 12.60 -6.79
CA VAL B 47 -5.52 13.00 -8.10
C VAL B 47 -5.68 11.81 -9.07
N ASP B 48 -6.77 11.72 -9.84
CA ASP B 48 -6.91 10.60 -10.77
C ASP B 48 -5.93 10.69 -11.96
N LEU B 49 -5.25 9.59 -12.25
CA LEU B 49 -4.46 9.39 -13.47
C LEU B 49 -5.27 8.57 -14.47
N TYR B 50 -5.10 8.97 -15.73
CA TYR B 50 -5.79 8.41 -16.90
C TYR B 50 -4.95 7.45 -17.64
N SER B 51 -5.58 6.58 -18.42
CA SER B 51 -4.88 5.68 -19.34
C SER B 51 -4.65 6.40 -20.67
N ALA B 52 -3.43 6.37 -21.19
CA ALA B 52 -3.08 6.93 -22.52
C ALA B 52 -3.39 5.92 -23.62
N GLU B 53 -3.82 4.73 -23.20
CA GLU B 53 -4.03 3.67 -24.15
C GLU B 53 -5.26 2.80 -23.87
N ASP B 54 -5.71 2.21 -24.98
CA ASP B 54 -6.72 1.17 -24.99
C ASP B 54 -6.04 -0.15 -24.67
N VAL B 55 -6.53 -0.93 -23.71
CA VAL B 55 -6.00 -2.25 -23.45
C VAL B 55 -7.05 -3.16 -22.85
N GLU B 56 -6.95 -4.44 -23.20
CA GLU B 56 -7.87 -5.44 -22.69
C GLU B 56 -7.08 -6.38 -21.80
N LEU B 57 -7.54 -6.54 -20.57
CA LEU B 57 -6.93 -7.52 -19.71
C LEU B 57 -7.84 -8.72 -19.45
N ALA B 58 -7.43 -9.86 -20.00
CA ALA B 58 -8.07 -11.12 -19.69
C ALA B 58 -7.89 -11.48 -18.21
N PRO B 59 -8.70 -12.39 -17.67
CA PRO B 59 -8.57 -12.83 -16.30
C PRO B 59 -7.16 -13.29 -15.88
N GLY B 60 -6.69 -12.79 -14.73
CA GLY B 60 -5.33 -13.02 -14.25
C GLY B 60 -4.17 -12.32 -14.97
N ARG B 61 -4.42 -11.57 -16.03
CA ARG B 61 -3.39 -10.96 -16.86
C ARG B 61 -3.22 -9.51 -16.41
N ARG B 62 -2.02 -9.05 -16.66
CA ARG B 62 -1.56 -7.70 -16.34
C ARG B 62 -1.07 -7.01 -17.60
N ALA B 63 -0.85 -5.69 -17.46
CA ALA B 63 -0.15 -4.85 -18.44
C ALA B 63 0.48 -3.65 -17.79
N LEU B 64 1.52 -3.08 -18.36
CA LEU B 64 2.09 -1.81 -17.93
C LEU B 64 1.54 -0.71 -18.84
N VAL B 65 0.73 0.16 -18.27
CA VAL B 65 -0.09 1.10 -18.98
C VAL B 65 0.45 2.49 -18.73
N ARG B 66 0.59 3.25 -19.79
CA ARG B 66 1.14 4.60 -19.81
C ARG B 66 0.03 5.55 -19.39
N THR B 67 0.33 6.53 -18.53
CA THR B 67 -0.66 7.50 -18.12
C THR B 67 -0.53 8.83 -18.83
N GLY B 68 0.52 8.98 -19.61
CA GLY B 68 0.71 10.23 -20.31
C GLY B 68 1.18 11.43 -19.52
N VAL B 69 1.63 11.18 -18.30
CA VAL B 69 2.19 12.23 -17.47
C VAL B 69 3.53 11.84 -16.82
N ALA B 70 4.30 12.85 -16.54
CA ALA B 70 5.49 12.84 -15.71
C ALA B 70 5.37 13.93 -14.64
N VAL B 71 5.90 13.70 -13.46
CA VAL B 71 5.85 14.65 -12.37
C VAL B 71 7.22 14.87 -11.73
N ALA B 72 7.36 15.95 -10.99
CA ALA B 72 8.56 16.17 -10.16
C ALA B 72 8.19 16.21 -8.68
N VAL B 73 8.10 15.02 -8.07
CA VAL B 73 7.92 14.90 -6.62
C VAL B 73 9.02 15.67 -5.80
N PRO B 74 8.68 16.62 -4.93
CA PRO B 74 9.70 17.34 -4.15
C PRO B 74 10.61 16.47 -3.32
N PHE B 75 11.84 16.91 -3.23
CA PHE B 75 12.78 16.22 -2.33
C PHE B 75 12.26 16.19 -0.90
N GLY B 76 12.34 15.04 -0.22
CA GLY B 76 11.65 14.85 1.05
C GLY B 76 10.24 14.33 0.99
N MET B 77 9.64 14.20 -0.20
CA MET B 77 8.36 13.57 -0.43
C MET B 77 8.43 12.32 -1.31
N VAL B 78 7.29 11.66 -1.50
CA VAL B 78 7.20 10.51 -2.36
C VAL B 78 5.86 10.60 -3.03
N GLY B 79 5.87 10.15 -4.27
CA GLY B 79 4.62 9.92 -4.95
C GLY B 79 4.14 8.49 -4.83
N LEU B 80 2.85 8.30 -4.59
CA LEU B 80 2.34 6.96 -4.32
C LEU B 80 1.14 6.76 -5.22
N VAL B 81 1.17 5.63 -5.92
CA VAL B 81 0.15 5.24 -6.87
C VAL B 81 -0.73 4.17 -6.24
N HIS B 82 -2.01 4.49 -6.06
CA HIS B 82 -2.99 3.60 -5.41
C HIS B 82 -4.08 3.23 -6.41
N PRO B 83 -4.66 2.06 -6.20
CA PRO B 83 -5.76 1.69 -7.09
C PRO B 83 -7.06 2.50 -6.78
N ARG B 84 -7.95 2.67 -7.76
CA ARG B 84 -9.30 3.22 -7.58
C ARG B 84 -10.22 2.22 -6.98
N SER B 85 -10.92 2.66 -5.94
CA SER B 85 -11.62 1.70 -5.09
C SER B 85 -12.87 1.13 -5.77
N GLY B 86 -13.63 1.96 -6.49
CA GLY B 86 -14.70 1.47 -7.36
C GLY B 86 -14.50 0.35 -8.38
N LEU B 87 -13.67 0.52 -9.41
CA LEU B 87 -13.27 -0.53 -10.34
C LEU B 87 -12.66 -1.71 -9.61
N ALA B 88 -12.14 -1.47 -8.41
CA ALA B 88 -11.57 -2.60 -7.69
C ALA B 88 -12.71 -3.57 -7.34
N THR B 89 -13.79 -3.01 -6.79
CA THR B 89 -14.91 -3.83 -6.33
C THR B 89 -15.69 -4.31 -7.52
N ARG B 90 -15.99 -3.36 -8.37
CA ARG B 90 -16.86 -3.65 -9.52
C ARG B 90 -16.32 -4.65 -10.52
N VAL B 91 -15.02 -4.63 -10.83
CA VAL B 91 -14.51 -5.54 -11.85
C VAL B 91 -13.20 -6.20 -11.42
N GLY B 92 -12.70 -6.01 -10.21
CA GLY B 92 -11.44 -6.64 -9.87
C GLY B 92 -10.10 -6.04 -10.32
N LEU B 93 -10.03 -4.78 -10.74
CA LEU B 93 -8.81 -4.14 -11.21
C LEU B 93 -7.97 -3.75 -10.03
N SER B 94 -6.70 -4.04 -10.20
CA SER B 94 -5.76 -3.75 -9.14
C SER B 94 -4.42 -3.41 -9.79
N ILE B 95 -3.44 -3.20 -8.93
CA ILE B 95 -2.11 -2.76 -9.35
C ILE B 95 -1.13 -3.74 -8.71
N VAL B 96 -0.31 -4.35 -9.54
CA VAL B 96 0.60 -5.40 -9.12
C VAL B 96 1.51 -4.94 -8.02
N ASN B 97 2.12 -3.77 -8.27
CA ASN B 97 3.03 -3.19 -7.31
C ASN B 97 2.44 -2.17 -6.36
N SER B 98 1.13 -2.17 -6.09
CA SER B 98 0.57 -1.22 -5.17
C SER B 98 1.21 -1.32 -3.80
N PRO B 99 1.49 -0.17 -3.19
CA PRO B 99 1.39 1.17 -3.78
C PRO B 99 2.66 1.44 -4.61
N GLY B 100 2.46 1.92 -5.84
CA GLY B 100 3.59 2.25 -6.73
C GLY B 100 4.33 3.43 -6.15
N THR B 101 5.63 3.35 -6.14
CA THR B 101 6.46 4.32 -5.44
C THR B 101 7.20 5.20 -6.46
N ILE B 102 6.93 6.49 -6.49
CA ILE B 102 7.50 7.48 -7.41
C ILE B 102 8.49 8.32 -6.62
N ASP B 103 9.78 8.10 -6.87
CA ASP B 103 10.80 8.78 -6.08
C ASP B 103 10.96 10.21 -6.56
N ALA B 104 11.43 11.01 -5.65
CA ALA B 104 11.72 12.40 -5.95
C ALA B 104 12.60 12.72 -7.13
N GLY B 105 13.62 11.90 -7.41
CA GLY B 105 14.42 12.16 -8.61
C GLY B 105 13.86 11.59 -9.91
N TYR B 106 12.70 10.93 -9.93
CA TYR B 106 12.18 10.33 -11.17
C TYR B 106 11.42 11.35 -12.06
N ARG B 107 11.83 11.50 -13.32
CA ARG B 107 11.27 12.42 -14.30
C ARG B 107 10.67 11.74 -15.52
N GLY B 108 10.63 10.42 -15.49
CA GLY B 108 10.08 9.66 -16.59
C GLY B 108 8.56 9.65 -16.45
N GLU B 109 7.97 9.00 -17.43
CA GLU B 109 6.54 8.80 -17.44
C GLU B 109 6.07 7.83 -16.32
N ILE B 110 4.92 8.12 -15.70
CA ILE B 110 4.24 7.26 -14.74
C ILE B 110 3.51 6.21 -15.58
N LYS B 111 3.83 4.97 -15.28
CA LYS B 111 3.19 3.82 -15.89
C LYS B 111 2.61 3.00 -14.76
N VAL B 112 1.46 2.41 -15.01
CA VAL B 112 0.73 1.67 -13.97
C VAL B 112 0.63 0.19 -14.32
N ALA B 113 1.14 -0.69 -13.47
CA ALA B 113 1.06 -2.11 -13.64
C ALA B 113 -0.35 -2.65 -13.28
N LEU B 114 -1.33 -2.53 -14.16
CA LEU B 114 -2.66 -3.04 -13.92
C LEU B 114 -2.70 -4.56 -13.99
N ILE B 115 -3.65 -5.13 -13.26
CA ILE B 115 -3.89 -6.56 -13.27
C ILE B 115 -5.35 -6.86 -13.05
N ASN B 116 -5.88 -7.83 -13.79
CA ASN B 116 -7.25 -8.25 -13.66
C ASN B 116 -7.29 -9.42 -12.67
N LEU B 117 -7.78 -9.19 -11.46
CA LEU B 117 -7.92 -10.24 -10.42
C LEU B 117 -9.32 -10.92 -10.47
N ASP B 118 -10.18 -10.55 -11.41
CA ASP B 118 -11.42 -11.29 -11.62
C ASP B 118 -11.02 -12.68 -12.19
N PRO B 119 -11.76 -13.71 -11.83
CA PRO B 119 -11.54 -15.03 -12.44
C PRO B 119 -12.08 -15.27 -13.82
N ALA B 120 -13.02 -14.48 -14.32
CA ALA B 120 -13.79 -14.84 -15.51
C ALA B 120 -13.97 -13.72 -16.52
N ALA B 121 -14.24 -12.51 -16.04
CA ALA B 121 -14.58 -11.41 -16.93
C ALA B 121 -13.38 -10.52 -17.27
N PRO B 122 -13.09 -10.35 -18.56
CA PRO B 122 -12.04 -9.41 -18.93
C PRO B 122 -12.47 -8.00 -18.56
N ILE B 123 -11.44 -7.16 -18.48
CA ILE B 123 -11.54 -5.76 -18.23
C ILE B 123 -11.05 -5.01 -19.47
N VAL B 124 -11.90 -4.16 -20.01
CA VAL B 124 -11.56 -3.29 -21.11
C VAL B 124 -11.30 -1.89 -20.55
N VAL B 125 -10.10 -1.36 -20.76
CA VAL B 125 -9.68 0.00 -20.41
C VAL B 125 -9.62 0.80 -21.73
N HIS B 126 -10.26 1.97 -21.75
CA HIS B 126 -10.26 2.90 -22.89
C HIS B 126 -9.27 4.02 -22.57
N ARG B 127 -8.60 4.54 -23.58
CA ARG B 127 -7.83 5.78 -23.51
C ARG B 127 -8.70 6.85 -22.90
N GLY B 128 -8.20 7.50 -21.85
CA GLY B 128 -8.95 8.53 -21.16
C GLY B 128 -9.72 8.06 -19.93
N ASP B 129 -9.77 6.76 -19.67
CA ASP B 129 -10.42 6.26 -18.46
C ASP B 129 -9.51 6.48 -17.27
N ARG B 130 -10.07 6.77 -16.11
CA ARG B 130 -9.29 6.86 -14.87
C ARG B 130 -8.87 5.49 -14.38
N ILE B 131 -7.58 5.30 -14.16
CA ILE B 131 -7.04 4.00 -13.82
C ILE B 131 -6.37 3.89 -12.50
N ALA B 132 -6.00 5.00 -11.81
CA ALA B 132 -5.32 4.98 -10.52
C ALA B 132 -5.44 6.37 -9.94
N GLN B 133 -4.91 6.54 -8.74
CA GLN B 133 -4.83 7.87 -8.17
C GLN B 133 -3.45 8.05 -7.59
N LEU B 134 -2.96 9.27 -7.63
CA LEU B 134 -1.64 9.61 -7.16
C LEU B 134 -1.73 10.52 -5.94
N LEU B 135 -1.12 10.06 -4.86
CA LEU B 135 -0.86 10.81 -3.65
C LEU B 135 0.59 11.29 -3.55
N VAL B 136 0.74 12.35 -2.77
CA VAL B 136 2.05 12.83 -2.40
C VAL B 136 2.09 12.93 -0.88
N GLN B 137 3.13 12.35 -0.30
CA GLN B 137 3.41 12.47 1.14
C GLN B 137 4.83 12.77 1.45
N ARG B 138 5.09 13.34 2.63
CA ARG B 138 6.47 13.39 3.11
C ARG B 138 6.89 11.96 3.44
N VAL B 139 8.20 11.73 3.29
CA VAL B 139 8.90 10.51 3.68
C VAL B 139 10.13 10.82 4.49
N GLU B 140 10.51 9.96 5.44
CA GLU B 140 11.66 10.22 6.33
C GLU B 140 12.80 9.50 5.64
N LEU B 141 13.76 10.28 5.16
CA LEU B 141 14.93 9.74 4.46
C LEU B 141 15.94 9.34 5.53
N VAL B 142 15.62 8.25 6.18
CA VAL B 142 16.39 7.79 7.35
C VAL B 142 17.80 7.45 6.96
N GLU B 143 18.71 7.81 7.88
CA GLU B 143 20.05 7.26 7.88
C GLU B 143 19.98 5.94 8.66
N LEU B 144 20.29 4.83 7.99
CA LEU B 144 20.43 3.54 8.65
C LEU B 144 21.70 3.45 9.52
N VAL B 145 21.59 3.04 10.78
CA VAL B 145 22.75 2.91 11.67
C VAL B 145 22.76 1.46 12.06
N GLU B 146 23.80 0.70 11.65
CA GLU B 146 23.87 -0.72 11.97
C GLU B 146 24.21 -0.85 13.45
N VAL B 147 23.57 -1.77 14.15
CA VAL B 147 23.79 -2.04 15.55
C VAL B 147 24.00 -3.56 15.65
N SER B 148 24.85 -3.97 16.60
CA SER B 148 25.16 -5.40 16.71
C SER B 148 23.89 -6.16 17.12
N SER B 149 23.12 -5.57 18.02
CA SER B 149 21.85 -6.12 18.47
C SER B 149 21.03 -5.05 19.15
N PHE B 150 19.74 -5.30 19.28
CA PHE B 150 18.88 -4.34 19.95
C PHE B 150 19.29 -4.26 21.41
N ASP B 151 19.58 -5.43 21.99
CA ASP B 151 20.08 -5.55 23.36
C ASP B 151 21.30 -4.66 23.60
N GLU B 152 22.36 -4.86 22.81
CA GLU B 152 23.58 -4.08 23.01
C GLU B 152 23.34 -2.59 22.78
N ALA B 153 22.35 -2.21 21.97
CA ALA B 153 22.08 -0.83 21.61
C ALA B 153 21.08 -0.18 22.55
N GLY B 154 20.52 -0.92 23.50
CA GLY B 154 19.48 -0.45 24.41
C GLY B 154 18.07 -0.29 23.86
N LEU B 155 17.75 -1.09 22.84
CA LEU B 155 16.52 -1.06 22.06
C LEU B 155 15.58 -2.28 22.21
N ALA B 156 15.61 -3.00 23.33
CA ALA B 156 14.67 -4.11 23.57
C ALA B 156 13.19 -3.79 23.31
N SER C 22 -2.41 12.43 19.74
CA SER C 22 -2.94 13.79 20.12
C SER C 22 -3.89 14.29 19.00
N THR C 23 -3.82 13.90 17.73
CA THR C 23 -4.99 14.06 16.87
C THR C 23 -6.11 13.10 17.28
N THR C 24 -7.35 13.56 17.26
CA THR C 24 -8.52 12.71 17.44
C THR C 24 -9.16 12.27 16.13
N LEU C 25 -9.60 11.03 16.02
CA LEU C 25 -10.37 10.50 14.90
C LEU C 25 -11.77 10.24 15.43
N ALA C 26 -12.77 10.99 14.94
CA ALA C 26 -14.11 10.75 15.40
C ALA C 26 -14.62 9.52 14.68
N ILE C 27 -15.33 8.69 15.44
CA ILE C 27 -15.78 7.47 14.84
C ILE C 27 -17.16 7.07 15.28
N VAL C 28 -17.96 6.62 14.31
CA VAL C 28 -19.31 6.11 14.53
C VAL C 28 -19.40 4.59 14.36
N ARG C 29 -19.96 3.92 15.39
CA ARG C 29 -20.29 2.51 15.34
C ARG C 29 -21.70 2.37 14.72
N LEU C 30 -21.72 2.23 13.41
CA LEU C 30 -22.90 2.01 12.64
C LEU C 30 -23.50 0.69 13.07
N ASP C 31 -22.66 -0.29 13.39
CA ASP C 31 -23.01 -1.54 14.05
C ASP C 31 -22.57 -1.53 15.53
N PRO C 32 -23.55 -1.36 16.43
CA PRO C 32 -23.26 -1.17 17.86
C PRO C 32 -22.80 -2.46 18.54
N GLY C 33 -22.91 -3.62 17.87
CA GLY C 33 -22.57 -4.91 18.44
C GLY C 33 -21.14 -5.38 18.25
N LEU C 34 -20.31 -4.58 17.55
CA LEU C 34 -18.87 -4.79 17.43
C LEU C 34 -18.12 -3.93 18.47
N PRO C 35 -16.98 -4.39 18.97
CA PRO C 35 -16.11 -3.60 19.85
C PRO C 35 -15.57 -2.36 19.06
N LEU C 36 -15.28 -1.26 19.74
CA LEU C 36 -14.70 -0.08 19.11
C LEU C 36 -13.28 -0.45 18.63
N PRO C 37 -12.87 -0.13 17.41
CA PRO C 37 -11.48 -0.39 17.04
C PRO C 37 -10.55 0.24 18.10
N SER C 38 -9.46 -0.48 18.37
CA SER C 38 -8.44 -0.02 19.30
C SER C 38 -7.00 -0.31 18.88
N ARG C 39 -6.11 0.51 19.40
CA ARG C 39 -4.70 0.45 19.10
C ARG C 39 -4.13 -0.47 20.15
N ALA C 40 -3.66 -1.63 19.70
CA ALA C 40 -3.23 -2.69 20.61
C ALA C 40 -2.00 -2.37 21.45
N HIS C 41 -1.02 -1.63 20.92
CA HIS C 41 0.17 -1.18 21.65
C HIS C 41 0.37 0.28 21.27
N ASP C 42 0.96 1.05 22.17
CA ASP C 42 1.05 2.50 22.03
C ASP C 42 1.57 3.16 20.73
N GLY C 43 2.54 2.54 20.09
CA GLY C 43 3.04 3.15 18.88
C GLY C 43 2.60 2.39 17.65
N ASP C 44 1.63 1.48 17.73
CA ASP C 44 1.30 0.67 16.56
C ASP C 44 0.63 1.60 15.56
N ALA C 45 0.94 1.35 14.30
CA ALA C 45 0.55 2.32 13.31
C ALA C 45 -0.95 2.29 13.10
N GLY C 46 -1.54 1.11 13.19
CA GLY C 46 -2.94 0.98 12.91
C GLY C 46 -3.82 0.52 14.04
N VAL C 47 -5.11 0.70 13.79
CA VAL C 47 -6.13 0.08 14.63
C VAL C 47 -6.84 -0.98 13.79
N ASP C 48 -7.20 -2.11 14.37
CA ASP C 48 -7.80 -3.17 13.59
C ASP C 48 -9.28 -2.93 13.48
N LEU C 49 -9.75 -3.21 12.26
CA LEU C 49 -11.14 -3.17 11.89
C LEU C 49 -11.69 -4.58 11.85
N TYR C 50 -12.94 -4.67 12.27
CA TYR C 50 -13.65 -5.94 12.41
C TYR C 50 -14.59 -6.08 11.25
N SER C 51 -15.01 -7.30 10.98
CA SER C 51 -16.02 -7.60 9.98
C SER C 51 -17.38 -7.61 10.72
N ALA C 52 -18.38 -7.03 10.04
CA ALA C 52 -19.73 -6.97 10.54
C ALA C 52 -20.51 -8.16 10.02
N GLU C 53 -19.93 -8.93 9.10
CA GLU C 53 -20.57 -10.03 8.38
C GLU C 53 -19.78 -11.33 8.26
N ASP C 54 -20.50 -12.42 8.01
CA ASP C 54 -19.88 -13.69 7.69
C ASP C 54 -19.85 -13.74 6.20
N VAL C 55 -18.70 -14.14 5.66
CA VAL C 55 -18.47 -14.22 4.23
C VAL C 55 -17.58 -15.44 4.00
N GLU C 56 -17.78 -16.10 2.87
CA GLU C 56 -16.89 -17.21 2.51
C GLU C 56 -16.42 -16.90 1.09
N LEU C 57 -15.11 -16.82 0.92
CA LEU C 57 -14.49 -16.57 -0.35
C LEU C 57 -13.81 -17.77 -0.96
N ALA C 58 -14.36 -18.24 -2.07
CA ALA C 58 -13.72 -19.31 -2.83
C ALA C 58 -12.42 -18.79 -3.42
N PRO C 59 -11.52 -19.71 -3.77
CA PRO C 59 -10.26 -19.31 -4.40
C PRO C 59 -10.50 -18.29 -5.51
N GLY C 60 -9.80 -17.17 -5.39
CA GLY C 60 -9.76 -16.13 -6.39
C GLY C 60 -10.97 -15.22 -6.32
N ARG C 61 -11.94 -15.42 -5.41
CA ARG C 61 -13.14 -14.57 -5.35
C ARG C 61 -13.02 -13.39 -4.36
N ARG C 62 -13.79 -12.33 -4.61
CA ARG C 62 -13.72 -11.13 -3.81
C ARG C 62 -15.11 -10.80 -3.27
N ALA C 63 -15.09 -9.95 -2.24
CA ALA C 63 -16.31 -9.46 -1.61
C ALA C 63 -16.04 -8.11 -0.96
N LEU C 64 -17.06 -7.26 -0.93
CA LEU C 64 -16.94 -5.96 -0.31
C LEU C 64 -17.61 -6.11 1.04
N VAL C 65 -16.81 -6.12 2.10
CA VAL C 65 -17.26 -6.45 3.43
C VAL C 65 -17.41 -5.22 4.33
N ARG C 66 -18.56 -5.06 5.00
CA ARG C 66 -18.79 -3.94 5.90
C ARG C 66 -18.02 -4.16 7.19
N THR C 67 -17.47 -3.09 7.76
CA THR C 67 -16.77 -3.04 9.02
C THR C 67 -17.70 -2.54 10.11
N GLY C 68 -18.85 -1.96 9.83
CA GLY C 68 -19.66 -1.45 10.91
C GLY C 68 -19.25 -0.10 11.48
N VAL C 69 -18.26 0.56 10.90
CA VAL C 69 -17.81 1.82 11.45
C VAL C 69 -17.72 2.83 10.33
N ALA C 70 -17.89 4.09 10.66
CA ALA C 70 -17.57 5.21 9.79
C ALA C 70 -16.64 6.15 10.53
N VAL C 71 -15.75 6.87 9.82
CA VAL C 71 -14.83 7.79 10.45
C VAL C 71 -14.81 9.12 9.77
N ALA C 72 -14.19 10.06 10.48
CA ALA C 72 -14.04 11.44 10.00
C ALA C 72 -12.59 11.81 9.95
N VAL C 73 -11.95 11.39 8.87
CA VAL C 73 -10.55 11.71 8.61
C VAL C 73 -10.37 13.25 8.58
N PRO C 74 -9.58 13.89 9.43
CA PRO C 74 -9.41 15.33 9.26
C PRO C 74 -8.84 15.80 7.94
N PHE C 75 -9.23 17.05 7.63
CA PHE C 75 -8.69 17.73 6.48
C PHE C 75 -7.20 17.81 6.65
N GLY C 76 -6.48 17.47 5.59
CA GLY C 76 -5.01 17.50 5.62
C GLY C 76 -4.43 16.10 5.86
N MET C 77 -5.34 15.16 6.13
CA MET C 77 -5.03 13.78 6.40
C MET C 77 -5.73 12.84 5.44
N VAL C 78 -5.35 11.57 5.53
CA VAL C 78 -5.90 10.49 4.78
C VAL C 78 -5.94 9.26 5.66
N GLY C 79 -6.96 8.44 5.47
CA GLY C 79 -7.22 7.14 6.11
C GLY C 79 -6.71 6.06 5.17
N LEU C 80 -6.01 5.05 5.66
CA LEU C 80 -5.42 4.01 4.82
C LEU C 80 -5.81 2.66 5.41
N VAL C 81 -6.38 1.82 4.55
CA VAL C 81 -6.83 0.51 4.96
C VAL C 81 -5.83 -0.51 4.42
N HIS C 82 -5.16 -1.21 5.34
CA HIS C 82 -4.07 -2.07 5.00
C HIS C 82 -4.47 -3.50 5.35
N PRO C 83 -3.97 -4.49 4.61
CA PRO C 83 -4.27 -5.87 5.00
C PRO C 83 -3.45 -6.26 6.24
N ARG C 84 -3.89 -7.22 7.04
CA ARG C 84 -3.18 -7.83 8.16
C ARG C 84 -2.16 -8.93 7.71
N SER C 85 -0.95 -8.95 8.30
CA SER C 85 0.11 -9.83 7.80
C SER C 85 -0.11 -11.36 8.06
N GLY C 86 -0.63 -11.74 9.23
CA GLY C 86 -0.89 -13.13 9.62
C GLY C 86 -1.78 -13.85 8.61
N LEU C 87 -2.98 -13.32 8.34
CA LEU C 87 -3.94 -13.87 7.42
C LEU C 87 -3.40 -13.82 5.99
N ALA C 88 -2.55 -12.84 5.69
CA ALA C 88 -2.05 -12.73 4.35
C ALA C 88 -1.20 -13.96 3.98
N THR C 89 -0.33 -14.28 4.91
CA THR C 89 0.61 -15.36 4.66
C THR C 89 -0.18 -16.64 4.83
N ARG C 90 -0.93 -16.70 5.91
CA ARG C 90 -1.55 -17.99 6.30
C ARG C 90 -2.57 -18.53 5.34
N VAL C 91 -3.48 -17.66 4.88
CA VAL C 91 -4.58 -18.13 4.02
C VAL C 91 -4.67 -17.41 2.67
N GLY C 92 -3.74 -16.52 2.40
CA GLY C 92 -3.80 -15.72 1.19
C GLY C 92 -4.84 -14.59 1.17
N LEU C 93 -5.17 -14.00 2.32
CA LEU C 93 -6.19 -12.98 2.41
C LEU C 93 -5.53 -11.66 2.07
N SER C 94 -6.06 -10.97 1.07
CA SER C 94 -5.62 -9.65 0.62
C SER C 94 -6.79 -8.71 0.40
N ILE C 95 -6.43 -7.49 -0.03
CA ILE C 95 -7.39 -6.43 -0.27
C ILE C 95 -7.14 -5.94 -1.65
N VAL C 96 -8.17 -5.97 -2.49
CA VAL C 96 -7.99 -5.64 -3.91
C VAL C 96 -7.42 -4.26 -4.20
N ASN C 97 -7.94 -3.26 -3.50
CA ASN C 97 -7.51 -1.88 -3.63
C ASN C 97 -6.49 -1.39 -2.61
N SER C 98 -5.74 -2.32 -2.00
CA SER C 98 -4.76 -1.93 -1.02
C SER C 98 -3.71 -1.01 -1.65
N PRO C 99 -3.33 0.04 -0.95
CA PRO C 99 -3.94 0.50 0.32
C PRO C 99 -5.24 1.27 0.12
N GLY C 100 -6.27 0.93 0.86
CA GLY C 100 -7.56 1.48 0.55
C GLY C 100 -7.54 2.89 1.06
N THR C 101 -7.95 3.85 0.22
CA THR C 101 -7.79 5.26 0.54
C THR C 101 -9.10 5.90 1.04
N ILE C 102 -9.13 6.42 2.26
CA ILE C 102 -10.32 7.05 2.82
C ILE C 102 -10.05 8.56 2.83
N ASP C 103 -10.78 9.32 2.02
CA ASP C 103 -10.54 10.71 1.88
C ASP C 103 -11.17 11.45 3.06
N ALA C 104 -10.61 12.61 3.35
CA ALA C 104 -11.05 13.44 4.46
C ALA C 104 -12.55 13.81 4.36
N GLY C 105 -13.07 13.93 3.15
CA GLY C 105 -14.49 14.21 2.98
C GLY C 105 -15.51 13.08 3.15
N TYR C 106 -15.07 11.84 3.26
CA TYR C 106 -15.91 10.65 3.33
C TYR C 106 -16.48 10.42 4.71
N ARG C 107 -17.79 10.25 4.83
CA ARG C 107 -18.45 9.99 6.09
C ARG C 107 -19.27 8.68 5.95
N GLY C 108 -19.07 7.86 4.93
CA GLY C 108 -19.85 6.64 4.84
C GLY C 108 -19.17 5.48 5.57
N GLU C 109 -19.78 4.31 5.53
CA GLU C 109 -19.22 3.11 6.13
C GLU C 109 -17.90 2.68 5.45
N ILE C 110 -16.87 2.33 6.22
CA ILE C 110 -15.67 1.71 5.72
C ILE C 110 -16.00 0.25 5.36
N LYS C 111 -15.77 -0.04 4.09
CA LYS C 111 -15.98 -1.36 3.46
C LYS C 111 -14.61 -1.83 2.98
N VAL C 112 -14.33 -3.11 3.18
CA VAL C 112 -13.04 -3.73 2.84
C VAL C 112 -13.22 -4.68 1.64
N ALA C 113 -12.46 -4.51 0.57
CA ALA C 113 -12.61 -5.31 -0.68
C ALA C 113 -11.64 -6.48 -0.48
N LEU C 114 -12.13 -7.45 0.26
CA LEU C 114 -11.34 -8.68 0.55
C LEU C 114 -11.24 -9.58 -0.68
N ILE C 115 -10.10 -10.26 -0.83
CA ILE C 115 -9.92 -11.21 -1.91
C ILE C 115 -9.13 -12.42 -1.42
N ASN C 116 -9.49 -13.62 -1.86
CA ASN C 116 -8.75 -14.85 -1.66
C ASN C 116 -7.73 -15.05 -2.76
N LEU C 117 -6.46 -14.70 -2.50
CA LEU C 117 -5.35 -15.05 -3.42
C LEU C 117 -4.81 -16.48 -3.26
N ASP C 118 -5.35 -17.32 -2.39
CA ASP C 118 -4.96 -18.76 -2.44
C ASP C 118 -5.52 -19.50 -3.66
N PRO C 119 -4.77 -20.39 -4.34
CA PRO C 119 -5.38 -21.14 -5.45
C PRO C 119 -6.41 -22.22 -5.09
N ALA C 120 -6.49 -22.72 -3.86
CA ALA C 120 -7.35 -23.90 -3.67
C ALA C 120 -8.25 -23.94 -2.46
N ALA C 121 -7.89 -23.24 -1.39
CA ALA C 121 -8.62 -23.30 -0.14
C ALA C 121 -9.54 -22.09 0.04
N PRO C 122 -10.84 -22.31 0.26
CA PRO C 122 -11.71 -21.18 0.59
C PRO C 122 -11.27 -20.47 1.89
N ILE C 123 -11.69 -19.20 2.06
CA ILE C 123 -11.36 -18.42 3.24
C ILE C 123 -12.67 -18.16 3.94
N VAL C 124 -12.77 -18.45 5.22
CA VAL C 124 -13.94 -18.14 6.00
C VAL C 124 -13.66 -16.88 6.82
N VAL C 125 -14.60 -15.93 6.78
CA VAL C 125 -14.56 -14.75 7.65
C VAL C 125 -15.94 -14.78 8.34
N HIS C 126 -15.91 -14.65 9.66
CA HIS C 126 -17.04 -14.43 10.50
C HIS C 126 -17.08 -13.02 11.11
N ARG C 127 -18.32 -12.60 11.37
CA ARG C 127 -18.56 -11.39 12.12
C ARG C 127 -17.77 -11.36 13.41
N GLY C 128 -17.18 -10.20 13.66
CA GLY C 128 -16.23 -10.03 14.76
C GLY C 128 -14.77 -10.28 14.47
N ASP C 129 -14.42 -10.94 13.36
CA ASP C 129 -13.01 -11.16 13.01
C ASP C 129 -12.28 -9.85 12.69
N ARG C 130 -11.00 -9.74 13.00
CA ARG C 130 -10.18 -8.58 12.60
C ARG C 130 -9.76 -8.83 11.15
N ILE C 131 -10.23 -7.99 10.21
CA ILE C 131 -9.98 -8.18 8.78
C ILE C 131 -9.04 -7.17 8.10
N ALA C 132 -8.76 -6.07 8.75
CA ALA C 132 -7.84 -5.10 8.18
C ALA C 132 -7.30 -4.16 9.27
N GLN C 133 -6.38 -3.28 8.93
CA GLN C 133 -6.00 -2.23 9.89
C GLN C 133 -6.19 -0.88 9.28
N LEU C 134 -6.53 0.13 10.10
CA LEU C 134 -6.65 1.51 9.66
C LEU C 134 -5.58 2.43 10.22
N LEU C 135 -4.90 3.15 9.32
CA LEU C 135 -3.80 4.07 9.60
C LEU C 135 -4.36 5.43 9.22
N VAL C 136 -3.89 6.49 9.88
CA VAL C 136 -4.19 7.85 9.49
C VAL C 136 -2.82 8.50 9.29
N GLN C 137 -2.59 9.16 8.18
CA GLN C 137 -1.34 9.93 7.97
C GLN C 137 -1.65 11.33 7.44
N ARG C 138 -0.72 12.26 7.65
CA ARG C 138 -0.79 13.48 6.83
C ARG C 138 -0.63 13.20 5.33
N VAL C 139 -1.29 14.01 4.48
CA VAL C 139 -1.12 13.96 3.01
C VAL C 139 -0.79 15.39 2.58
N GLU C 140 0.02 15.55 1.55
CA GLU C 140 0.39 16.84 0.98
C GLU C 140 -0.61 17.13 -0.10
N LEU C 141 -1.44 18.14 0.13
CA LEU C 141 -2.45 18.49 -0.85
C LEU C 141 -1.82 19.41 -1.89
N VAL C 142 -0.93 18.85 -2.69
CA VAL C 142 -0.16 19.59 -3.68
C VAL C 142 -1.12 20.18 -4.74
N GLU C 143 -0.72 21.31 -5.26
CA GLU C 143 -1.38 22.02 -6.37
C GLU C 143 -0.59 21.71 -7.62
N LEU C 144 -1.17 20.92 -8.50
CA LEU C 144 -0.54 20.58 -9.77
C LEU C 144 -0.42 21.86 -10.62
N VAL C 145 0.74 21.95 -11.24
CA VAL C 145 1.08 23.04 -12.13
C VAL C 145 1.64 22.46 -13.39
N GLU C 146 0.97 22.72 -14.51
CA GLU C 146 1.44 22.12 -15.72
C GLU C 146 2.65 22.92 -16.16
N VAL C 147 3.72 22.21 -16.56
CA VAL C 147 4.91 22.85 -17.12
C VAL C 147 5.26 22.21 -18.47
N SER C 148 6.14 22.87 -19.24
CA SER C 148 6.52 22.39 -20.57
C SER C 148 7.33 21.07 -20.62
N SER C 149 8.38 20.98 -19.81
CA SER C 149 9.22 19.77 -19.82
C SER C 149 10.10 19.71 -18.57
N PHE C 150 10.71 18.55 -18.37
CA PHE C 150 11.81 18.31 -17.42
C PHE C 150 13.13 17.87 -18.15
MG MG D . 14.52 1.95 -5.87
N NO3 E . -7.40 4.00 20.05
O1 NO3 E . -7.21 2.86 20.87
O2 NO3 E . -7.20 5.34 20.42
O3 NO3 E . -7.79 3.71 18.73
N1 UMP F . 5.61 -7.79 9.51
C2 UMP F . 6.66 -8.20 8.71
N3 UMP F . 6.64 -7.95 7.35
C4 UMP F . 5.58 -7.28 6.76
C5 UMP F . 4.50 -6.86 7.55
C6 UMP F . 4.54 -7.12 8.93
O2 UMP F . 7.67 -8.80 9.09
O4 UMP F . 5.58 -7.06 5.56
C1' UMP F . 5.52 -7.97 10.98
C2' UMP F . 5.73 -6.57 11.58
C3' UMP F . 4.43 -6.10 12.24
C4' UMP F . 3.88 -7.48 12.63
O3' UMP F . 4.60 -5.11 13.24
O4' UMP F . 4.32 -8.40 11.63
C5' UMP F . 2.36 -7.39 12.81
O5' UMP F . 1.63 -7.52 11.60
P UMP F . 0.21 -6.85 11.14
OP1 UMP F . -0.97 -7.67 11.58
OP2 UMP F . 0.22 -6.50 9.63
OP3 UMP F . 0.17 -5.41 11.75
MG MG G . -11.35 9.47 -5.42
N NO3 H . -16.01 2.81 -10.80
O1 NO3 H . -15.53 3.97 -10.20
O2 NO3 H . -16.53 1.80 -9.98
O3 NO3 H . -15.96 2.66 -12.18
N1 UMP I . 7.33 3.88 -11.33
C2 UMP I . 6.19 4.13 -12.12
N3 UMP I . 4.93 3.70 -11.71
C4 UMP I . 4.75 2.99 -10.52
C5 UMP I . 5.88 2.76 -9.76
C6 UMP I . 7.16 3.19 -10.14
O2 UMP I . 6.24 4.70 -13.21
O4 UMP I . 3.58 2.64 -10.24
C1' UMP I . 8.67 4.38 -11.78
C2' UMP I . 9.08 5.51 -10.81
C3' UMP I . 10.14 4.98 -9.84
C4' UMP I . 10.86 4.12 -10.88
O3' UMP I . 10.78 6.02 -9.08
O4' UMP I . 9.82 3.57 -11.68
C5' UMP I . 11.69 2.91 -10.45
O5' UMP I . 10.92 1.88 -9.83
P UMP I . 11.58 0.68 -8.93
OP1 UMP I . 12.01 1.33 -7.64
OP2 UMP I . 12.73 -0.05 -9.66
OP3 UMP I . 10.57 -0.24 -8.20
C TRS J . -2.40 -7.06 -4.52
C1 TRS J . -2.48 -6.76 -6.03
C2 TRS J . -1.39 -8.18 -4.31
C3 TRS J . -3.79 -7.55 -4.09
N TRS J . -2.14 -5.86 -3.72
O1 TRS J . -1.20 -6.39 -6.48
O2 TRS J . -1.38 -8.38 -2.92
O3 TRS J . -4.73 -6.50 -4.16
C TRS K . 1.37 4.58 2.14
C1 TRS K . 0.68 4.81 0.79
C2 TRS K . 2.82 4.15 1.87
C3 TRS K . 0.62 3.37 2.67
N TRS K . 1.58 5.76 3.02
O1 TRS K . 0.20 6.13 0.87
O2 TRS K . 2.79 2.77 2.11
O3 TRS K . -0.44 3.55 3.52
MG MG L . -1.49 -5.27 14.98
N NO3 M . -17.76 16.38 10.68
O1 NO3 M . -17.73 15.00 10.82
O2 NO3 M . -18.24 17.27 11.62
O3 NO3 M . -17.28 16.99 9.57
N1 UMP N . -13.44 3.44 0.67
C2 UMP N . -13.71 2.44 1.58
N3 UMP N . -12.79 1.42 1.85
C4 UMP N . -11.56 1.34 1.20
C5 UMP N . -11.29 2.35 0.27
C6 UMP N . -12.21 3.38 0.02
O2 UMP N . -14.75 2.39 2.23
O4 UMP N . -10.78 0.40 1.47
C1' UMP N . -14.37 4.57 0.40
C2' UMP N . -13.78 5.86 0.97
C3' UMP N . -13.17 6.80 -0.07
C4' UMP N . -14.12 6.40 -1.19
O3' UMP N . -13.09 8.19 0.19
O4' UMP N . -14.60 5.09 -0.89
C5' UMP N . -13.24 6.23 -2.41
O5' UMP N . -13.87 6.15 -3.65
P UMP N . -12.90 6.25 -4.93
OP1 UMP N . -13.50 5.25 -5.87
OP2 UMP N . -11.43 5.78 -4.76
OP3 UMP N . -12.98 7.71 -5.47
#